data_7CV3
#
_entry.id   7CV3
#
_entity_poly.entity_id   1
_entity_poly.type   'polydeoxyribonucleotide'
_entity_poly.pdbx_seq_one_letter_code
;(DG)(DC)(DG)(DG)(DG)(DA)(DG)(DG)(DG)(DC)(DG)(DC)(DG)(DC)(DC)(DA)(DG)(DC)(DG)(DG)
(DG)(DG)(DT)(DC)(DG)(DG)(DG)
;
_entity_poly.pdbx_strand_id   A
#
loop_
_chem_comp.id
_chem_comp.type
_chem_comp.name
_chem_comp.formula
DA DNA linking 2'-DEOXYADENOSINE-5'-MONOPHOSPHATE 'C10 H14 N5 O6 P'
DC DNA linking 2'-DEOXYCYTIDINE-5'-MONOPHOSPHATE 'C9 H14 N3 O7 P'
DG DNA linking 2'-DEOXYGUANOSINE-5'-MONOPHOSPHATE 'C10 H14 N5 O7 P'
DT DNA linking THYMIDINE-5'-MONOPHOSPHATE 'C10 H15 N2 O8 P'
#